data_2NTX
#
_entry.id   2NTX
#
_cell.length_a   114.339
_cell.length_b   114.339
_cell.length_c   318.964
_cell.angle_alpha   90.00
_cell.angle_beta   90.00
_cell.angle_gamma   120.00
#
_symmetry.space_group_name_H-M   'P 65 2 2'
#
loop_
_entity.id
_entity.type
_entity.pdbx_description
1 polymer Emb|CAB41934.1
2 water water
#
_entity_poly.entity_id   1
_entity_poly.type   'polypeptide(L)'
_entity_poly.pdbx_seq_one_letter_code
;GKRSERQQAD(MSE)E(MSE)(MSE)KDRFAKLLLGED(MSE)SGGGKGVSSALALSNAITNLAASIFGEQTKLQP
(MSE)PQDRQARWKKEIDWLLSVTDHIVEFVPSQQTSKDGVCTEI(MSE)VTRQRGDLL(MSE)NIPALRKLDA(MSE)L
IDTLDNFRGHNEFWYVSRDSEEGQQARNDRTNDKWWLPPVKVPPGGLSEPSRR(MSE)LYFQKDSVTQVQKAA(MSE)AI
NAQVLSE(MSE)EIPESYIDSLPKNGRASLGDSIYKSITEEWFDPEQFLA(MSE)LD(MSE)STEHKVLDLKNRIEASVV
IWKRKLHTKDTKSSWGSAVSLEKRELFEERAETILVLLKQKFPGLPQSSLDISKIQFNKDVGQAVLESYSRILESLAYTV
(MSE)SRIEDVLYTDTLALKQTLLA
;
_entity_poly.pdbx_strand_id   A,B
#
# COMPACT_ATOMS: atom_id res chain seq x y z
N SER A 4 29.51 -6.56 -1.58
CA SER A 4 28.60 -5.76 -2.43
C SER A 4 27.47 -6.65 -2.94
N GLU A 5 27.81 -7.81 -3.50
CA GLU A 5 26.79 -8.75 -4.02
C GLU A 5 25.85 -9.17 -2.91
N ARG A 6 26.40 -9.61 -1.78
CA ARG A 6 25.57 -10.05 -0.64
C ARG A 6 24.70 -8.90 -0.16
N GLN A 7 25.21 -7.55 -0.43
CA GLN A 7 24.84 -6.18 -0.11
C GLN A 7 23.76 -5.65 -1.05
N GLN A 8 23.99 -5.77 -2.34
CA GLN A 8 22.96 -5.56 -3.37
C GLN A 8 21.75 -6.48 -3.12
N ALA A 9 22.01 -7.76 -2.86
CA ALA A 9 21.00 -8.75 -2.50
C ALA A 9 20.10 -8.33 -1.32
N ASP A 10 20.70 -7.74 -0.28
CA ASP A 10 20.02 -7.19 0.89
C ASP A 10 19.10 -6.01 0.52
N GLU A 12 17.99 -5.31 -2.52
CA GLU A 12 16.97 -5.89 -3.41
C GLU A 12 15.85 -6.60 -2.66
N LYS A 15 13.70 -3.84 -1.31
CA LYS A 15 13.01 -3.31 -2.47
C LYS A 15 11.87 -4.25 -2.88
N ASP A 16 12.15 -5.55 -2.82
CA ASP A 16 11.18 -6.57 -3.17
C ASP A 16 9.95 -6.44 -2.27
N ARG A 17 10.19 -6.40 -0.95
CA ARG A 17 9.13 -6.32 0.05
C ARG A 17 8.28 -5.04 -0.06
N PHE A 18 8.93 -3.89 -0.13
CA PHE A 18 8.21 -2.63 -0.28
C PHE A 18 7.50 -2.42 -1.63
N ALA A 19 8.03 -3.00 -2.71
CA ALA A 19 7.35 -3.01 -4.03
C ALA A 19 6.02 -3.78 -4.01
N LYS A 20 6.04 -5.01 -3.50
CA LYS A 20 4.81 -5.80 -3.35
C LYS A 20 3.73 -5.06 -2.56
N LEU A 21 4.17 -4.30 -1.56
CA LEU A 21 3.30 -3.51 -0.72
C LEU A 21 2.72 -2.30 -1.47
N LEU A 22 3.59 -1.56 -2.15
CA LEU A 22 3.19 -0.40 -2.94
C LEU A 22 2.32 -0.78 -4.13
N LEU A 23 2.53 -1.96 -4.66
CA LEU A 23 1.70 -2.54 -5.71
C LEU A 23 0.33 -3.05 -5.24
N GLY A 24 0.13 -3.09 -3.93
CA GLY A 24 -1.05 -3.68 -3.35
C GLY A 24 -1.20 -5.15 -3.67
N GLU A 25 -0.07 -5.83 -3.82
CA GLU A 25 -0.04 -7.23 -4.19
C GLU A 25 -0.34 -7.52 -5.66
N ASP A 26 -0.72 -6.49 -6.40
CA ASP A 26 -0.97 -6.64 -7.83
C ASP A 26 0.27 -6.43 -8.68
N SER A 28 0.76 -7.14 -11.77
CA SER A 28 0.46 -6.66 -13.11
C SER A 28 0.64 -5.16 -13.25
N GLY A 29 0.65 -4.46 -12.13
CA GLY A 29 1.14 -3.10 -12.09
C GLY A 29 0.02 -2.10 -11.92
N GLY A 30 -1.12 -2.40 -12.54
CA GLY A 30 -2.20 -1.45 -12.69
C GLY A 30 -3.10 -1.29 -11.49
N GLY A 31 -2.58 -1.53 -10.30
CA GLY A 31 -3.40 -1.42 -9.10
C GLY A 31 -4.84 -1.85 -9.33
N LYS A 32 -5.03 -3.10 -9.73
CA LYS A 32 -6.15 -3.88 -9.27
C LYS A 32 -5.90 -4.51 -7.90
N GLY A 33 -5.10 -3.84 -7.08
CA GLY A 33 -4.59 -4.42 -5.87
C GLY A 33 -5.44 -4.18 -4.65
N VAL A 34 -4.89 -4.47 -3.48
CA VAL A 34 -5.45 -4.04 -2.22
C VAL A 34 -4.86 -2.73 -1.72
N SER A 35 -5.56 -2.11 -0.78
CA SER A 35 -5.06 -0.96 -0.05
C SER A 35 -3.73 -1.24 0.65
N SER A 36 -2.97 -0.19 0.95
CA SER A 36 -1.74 -0.36 1.72
C SER A 36 -1.97 -1.05 3.08
N ALA A 37 -3.06 -0.69 3.75
CA ALA A 37 -3.42 -1.24 5.04
C ALA A 37 -3.59 -2.75 4.94
N LEU A 38 -4.35 -3.24 3.95
CA LEU A 38 -4.57 -4.67 3.74
C LEU A 38 -3.29 -5.41 3.29
N ALA A 39 -2.52 -4.76 2.41
CA ALA A 39 -1.23 -5.31 1.99
C ALA A 39 -0.30 -5.57 3.19
N LEU A 40 -0.16 -4.58 4.07
CA LEU A 40 0.58 -4.72 5.33
C LEU A 40 -0.01 -5.79 6.24
N SER A 41 -1.32 -5.80 6.41
CA SER A 41 -1.97 -6.87 7.19
C SER A 41 -1.59 -8.25 6.66
N ASN A 42 -1.72 -8.43 5.34
CA ASN A 42 -1.38 -9.68 4.66
C ASN A 42 0.09 -10.06 4.77
N ALA A 43 0.97 -9.07 4.60
CA ALA A 43 2.41 -9.29 4.64
C ALA A 43 2.87 -9.79 6.01
N ILE A 44 2.29 -9.26 7.07
CA ILE A 44 2.63 -9.68 8.41
C ILE A 44 2.22 -11.14 8.60
N THR A 45 0.98 -11.47 8.28
CA THR A 45 0.53 -12.86 8.40
C THR A 45 1.26 -13.82 7.45
N ASN A 46 1.69 -13.35 6.31
CA ASN A 46 2.44 -14.18 5.35
C ASN A 46 3.84 -14.51 5.84
N LEU A 47 4.47 -13.49 6.42
CA LEU A 47 5.81 -13.64 7.00
C LEU A 47 5.83 -14.64 8.16
N ALA A 48 4.84 -14.57 9.05
CA ALA A 48 4.73 -15.56 10.12
C ALA A 48 4.59 -16.98 9.61
N ALA A 49 3.76 -17.18 8.59
CA ALA A 49 3.56 -18.48 7.97
C ALA A 49 4.85 -18.96 7.32
N SER A 50 5.62 -18.04 6.77
CA SER A 50 6.89 -18.37 6.15
C SER A 50 7.99 -18.70 7.17
N ILE A 51 8.10 -17.90 8.23
CA ILE A 51 9.10 -18.14 9.28
C ILE A 51 8.78 -19.37 10.15
N PHE A 52 7.57 -19.44 10.68
CA PHE A 52 7.22 -20.46 11.65
C PHE A 52 6.49 -21.66 11.09
N GLY A 53 5.97 -21.54 9.87
CA GLY A 53 5.24 -22.62 9.22
C GLY A 53 3.98 -22.99 9.98
N GLU A 54 3.59 -24.27 9.90
CA GLU A 54 2.40 -24.78 10.63
C GLU A 54 2.69 -25.13 12.10
N GLN A 55 3.96 -25.25 12.46
CA GLN A 55 4.30 -25.62 13.85
C GLN A 55 3.45 -26.80 14.34
N LYS A 57 5.11 -29.25 14.89
CA LYS A 57 6.23 -29.82 15.63
C LYS A 57 7.02 -28.73 16.33
N LEU A 58 7.48 -29.00 17.54
CA LEU A 58 8.41 -28.14 18.21
C LEU A 58 9.81 -28.39 17.70
N GLN A 59 10.46 -27.31 17.27
CA GLN A 59 11.69 -27.38 16.51
C GLN A 59 12.61 -26.24 16.92
N PRO A 60 13.88 -26.46 16.68
CA PRO A 60 14.88 -25.42 16.87
C PRO A 60 14.69 -24.23 15.95
N PRO A 62 17.05 -21.54 14.56
CA PRO A 62 18.46 -21.11 14.52
C PRO A 62 18.53 -19.58 14.51
N GLN A 63 19.69 -19.05 14.91
CA GLN A 63 19.89 -17.60 15.04
C GLN A 63 19.62 -16.83 13.76
N ASP A 64 20.02 -17.38 12.62
CA ASP A 64 19.78 -16.74 11.31
C ASP A 64 18.30 -16.61 10.97
N ARG A 65 17.49 -17.52 11.47
CA ARG A 65 16.07 -17.44 11.27
C ARG A 65 15.44 -16.36 12.16
N GLN A 66 15.89 -16.28 13.39
CA GLN A 66 15.54 -15.16 14.28
C GLN A 66 15.91 -13.81 13.67
N ALA A 67 17.07 -13.74 13.02
CA ALA A 67 17.48 -12.52 12.34
C ALA A 67 16.58 -12.10 11.18
N ARG A 68 16.14 -13.04 10.32
CA ARG A 68 15.22 -12.70 9.22
C ARG A 68 13.88 -12.19 9.78
N TRP A 69 13.41 -12.85 10.84
CA TRP A 69 12.17 -12.51 11.51
C TRP A 69 12.25 -11.10 12.07
N LYS A 70 13.35 -10.79 12.75
CA LYS A 70 13.49 -9.50 13.37
C LYS A 70 13.50 -8.39 12.31
N LYS A 71 14.34 -8.53 11.27
CA LYS A 71 14.44 -7.45 10.28
C LYS A 71 13.20 -7.29 9.42
N GLU A 72 12.62 -8.40 8.98
CA GLU A 72 11.41 -8.34 8.17
C GLU A 72 10.22 -7.77 8.94
N ILE A 73 10.09 -8.10 10.22
CA ILE A 73 9.08 -7.44 11.08
C ILE A 73 9.39 -5.94 11.25
N ASP A 74 10.65 -5.60 11.48
CA ASP A 74 11.10 -4.20 11.53
C ASP A 74 10.59 -3.40 10.33
N TRP A 75 10.81 -3.95 9.14
CA TRP A 75 10.42 -3.29 7.89
C TRP A 75 8.93 -3.03 7.84
N LEU A 76 8.15 -4.06 8.21
CA LEU A 76 6.70 -4.01 8.16
C LEU A 76 6.07 -3.08 9.21
N LEU A 77 6.72 -2.96 10.36
CA LEU A 77 6.22 -2.09 11.43
C LEU A 77 6.70 -0.67 11.29
N SER A 78 7.73 -0.44 10.48
CA SER A 78 8.37 0.89 10.44
C SER A 78 7.44 2.02 9.94
N VAL A 79 6.44 1.67 9.13
CA VAL A 79 5.42 2.65 8.74
C VAL A 79 4.82 3.35 9.98
N THR A 80 4.73 2.63 11.10
CA THR A 80 4.02 3.13 12.29
C THR A 80 4.77 4.29 12.95
N ASP A 81 6.09 4.36 12.74
CA ASP A 81 6.93 5.49 13.18
C ASP A 81 6.50 6.81 12.57
N HIS A 82 5.76 6.75 11.46
CA HIS A 82 5.40 7.94 10.67
C HIS A 82 3.93 8.33 10.86
N ILE A 83 3.20 7.50 11.59
CA ILE A 83 1.80 7.75 11.93
C ILE A 83 1.70 8.60 13.20
N VAL A 84 1.18 9.81 13.00
CA VAL A 84 1.43 10.91 13.91
C VAL A 84 0.18 11.73 14.17
N GLU A 85 0.08 12.28 15.37
CA GLU A 85 -0.90 13.31 15.66
C GLU A 85 -0.18 14.45 16.39
N PHE A 86 -0.80 15.64 16.39
CA PHE A 86 -0.29 16.81 17.09
C PHE A 86 -0.95 17.01 18.47
N VAL A 87 -0.12 17.17 19.49
CA VAL A 87 -0.60 17.20 20.87
C VAL A 87 -0.06 18.44 21.59
N PRO A 88 -0.92 19.10 22.39
CA PRO A 88 -0.44 20.29 23.09
C PRO A 88 0.59 19.95 24.17
N SER A 89 1.53 20.87 24.38
CA SER A 89 2.48 20.84 25.50
C SER A 89 3.14 22.20 25.66
N GLU A 100 3.65 27.35 25.33
CA GLU A 100 2.55 26.54 24.80
C GLU A 100 2.69 26.25 23.33
N ILE A 101 2.80 24.97 23.00
CA ILE A 101 3.17 24.53 21.66
C ILE A 101 2.32 23.37 21.19
N VAL A 103 3.13 19.83 19.49
CA VAL A 103 4.18 18.88 19.12
C VAL A 103 3.64 17.62 18.44
N THR A 104 4.38 17.12 17.46
CA THR A 104 4.03 15.87 16.85
C THR A 104 4.44 14.74 17.79
N ARG A 105 3.62 13.71 17.80
CA ARG A 105 3.76 12.61 18.73
C ARG A 105 3.19 11.43 17.96
N GLN A 106 3.78 10.25 18.15
CA GLN A 106 3.18 9.03 17.60
C GLN A 106 1.73 8.92 18.06
N ARG A 107 0.87 8.43 17.18
CA ARG A 107 -0.57 8.29 17.45
C ARG A 107 -0.83 7.43 18.71
N GLY A 108 -1.78 7.88 19.53
CA GLY A 108 -2.01 7.32 20.87
C GLY A 108 -2.29 5.83 20.98
N ASP A 109 -2.83 5.25 19.91
CA ASP A 109 -3.15 3.82 19.90
C ASP A 109 -1.94 2.94 19.51
N LEU A 110 -0.83 3.58 19.14
CA LEU A 110 0.43 2.92 18.75
C LEU A 110 1.57 3.26 19.71
N LEU A 111 1.51 4.45 20.29
CA LEU A 111 2.54 4.96 21.20
C LEU A 111 3.03 3.90 22.20
N ASN A 113 1.30 0.62 22.42
CA ASN A 113 0.93 -0.69 21.92
C ASN A 113 2.05 -1.33 21.10
N ILE A 114 2.66 -0.57 20.22
CA ILE A 114 3.77 -1.10 19.41
C ILE A 114 4.95 -1.61 20.26
N PRO A 115 5.49 -0.77 21.17
CA PRO A 115 6.51 -1.36 22.04
C PRO A 115 6.02 -2.53 22.91
N ALA A 116 4.76 -2.52 23.35
CA ALA A 116 4.20 -3.63 24.11
C ALA A 116 4.22 -4.90 23.27
N LEU A 117 3.81 -4.81 22.00
CA LEU A 117 3.83 -5.94 21.06
C LEU A 117 5.25 -6.46 20.75
N ARG A 118 6.16 -5.53 20.46
CA ARG A 118 7.56 -5.91 20.24
C ARG A 118 8.19 -6.66 21.41
N LYS A 119 7.85 -6.25 22.64
CA LYS A 119 8.27 -6.95 23.87
C LYS A 119 7.69 -8.38 24.00
N LEU A 120 6.43 -8.58 23.66
CA LEU A 120 5.83 -9.92 23.58
C LEU A 120 6.52 -10.77 22.50
N ASP A 121 6.89 -10.13 21.41
CA ASP A 121 7.58 -10.79 20.32
C ASP A 121 8.91 -11.32 20.82
N ALA A 122 9.69 -10.46 21.46
CA ALA A 122 10.99 -10.85 22.03
C ALA A 122 10.87 -11.97 23.07
N LEU A 124 8.60 -14.26 23.11
CA LEU A 124 8.31 -15.46 22.32
C LEU A 124 9.56 -16.05 21.69
N ILE A 125 10.36 -15.21 21.05
CA ILE A 125 11.59 -15.65 20.43
C ILE A 125 12.58 -16.20 21.47
N ASP A 126 12.72 -15.50 22.60
CA ASP A 126 13.59 -15.94 23.69
C ASP A 126 13.20 -17.34 24.19
N THR A 127 11.89 -17.62 24.22
CA THR A 127 11.33 -18.93 24.55
C THR A 127 11.69 -20.04 23.54
N LEU A 128 11.50 -19.71 22.27
CA LEU A 128 11.79 -20.61 21.15
C LEU A 128 13.28 -20.87 20.98
N ASP A 129 14.08 -19.89 21.38
CA ASP A 129 15.54 -20.02 21.43
C ASP A 129 16.01 -21.17 22.32
N ASN A 130 15.23 -21.49 23.36
CA ASN A 130 15.57 -22.60 24.23
C ASN A 130 15.31 -23.99 23.65
N PHE A 131 14.85 -24.03 22.40
CA PHE A 131 14.74 -25.29 21.68
C PHE A 131 16.05 -25.71 21.00
N ARG A 132 17.10 -24.88 21.09
CA ARG A 132 18.44 -25.16 20.55
C ARG A 132 19.21 -26.24 21.33
N GLY A 133 18.67 -26.64 22.47
CA GLY A 133 19.33 -27.62 23.32
C GLY A 133 19.02 -29.04 22.94
N HIS A 134 19.18 -29.95 23.88
CA HIS A 134 18.78 -31.31 23.62
C HIS A 134 17.30 -31.55 23.94
N ASN A 135 16.47 -31.53 22.92
CA ASN A 135 15.09 -31.93 23.10
C ASN A 135 14.91 -33.43 23.13
N GLU A 136 14.36 -33.93 24.23
CA GLU A 136 14.30 -35.37 24.48
C GLU A 136 13.04 -35.96 23.88
N PHE A 137 12.11 -35.10 23.52
CA PHE A 137 10.93 -35.52 22.78
C PHE A 137 11.22 -35.64 21.28
N TRP A 138 10.38 -36.40 20.59
CA TRP A 138 10.48 -36.54 19.14
C TRP A 138 9.10 -36.82 18.53
N TYR A 139 8.99 -36.75 17.21
CA TYR A 139 7.74 -36.97 16.51
C TYR A 139 7.85 -38.19 15.57
N VAL A 140 6.74 -38.89 15.37
CA VAL A 140 6.71 -40.10 14.52
C VAL A 140 5.74 -40.03 13.35
N LEU A 161 -2.12 -34.23 13.55
CA LEU A 161 -0.87 -33.89 14.26
C LEU A 161 -0.04 -35.14 14.50
N PRO A 162 1.26 -35.08 14.13
CA PRO A 162 2.18 -36.21 14.39
C PRO A 162 2.27 -36.49 15.88
N PRO A 163 2.18 -37.76 16.28
CA PRO A 163 2.22 -38.03 17.72
C PRO A 163 3.60 -37.68 18.27
N VAL A 164 3.63 -37.08 19.46
CA VAL A 164 4.88 -36.80 20.15
C VAL A 164 5.19 -37.94 21.10
N LYS A 165 6.46 -38.26 21.26
CA LYS A 165 6.88 -39.28 22.22
C LYS A 165 7.99 -38.72 23.11
N VAL A 166 8.13 -39.30 24.29
CA VAL A 166 9.21 -38.98 25.24
C VAL A 166 9.93 -40.29 25.62
N PRO A 167 11.14 -40.21 26.22
CA PRO A 167 11.83 -41.46 26.63
C PRO A 167 10.96 -42.33 27.55
N PRO A 168 11.17 -43.67 27.54
CA PRO A 168 10.34 -44.58 28.34
C PRO A 168 10.21 -44.20 29.82
N GLY A 169 11.29 -43.65 30.40
CA GLY A 169 11.25 -43.22 31.80
C GLY A 169 10.56 -41.88 31.99
N GLY A 170 10.25 -41.23 30.87
CA GLY A 170 9.76 -39.86 30.87
C GLY A 170 10.94 -38.95 30.64
N LEU A 171 10.68 -37.64 30.64
CA LEU A 171 11.72 -36.61 30.48
C LEU A 171 12.62 -36.53 31.70
N SER A 172 13.83 -36.01 31.50
CA SER A 172 14.71 -35.71 32.62
C SER A 172 14.11 -34.49 33.31
N GLU A 173 14.44 -34.29 34.58
CA GLU A 173 13.90 -33.18 35.35
C GLU A 173 14.27 -31.78 34.77
N PRO A 174 15.55 -31.56 34.40
CA PRO A 174 15.91 -30.29 33.74
C PRO A 174 15.11 -29.96 32.45
N SER A 175 14.78 -30.97 31.65
CA SER A 175 13.94 -30.79 30.47
C SER A 175 12.51 -30.46 30.83
N ARG A 176 11.98 -31.20 31.80
CA ARG A 176 10.62 -30.99 32.29
C ARG A 176 10.46 -29.56 32.81
N ARG A 177 11.46 -29.07 33.55
CA ARG A 177 11.44 -27.72 34.12
C ARG A 177 11.61 -26.62 33.07
N LEU A 179 10.57 -26.99 29.92
CA LEU A 179 9.31 -26.96 29.17
C LEU A 179 8.18 -26.26 29.93
N TYR A 180 8.13 -26.44 31.25
CA TYR A 180 7.15 -25.75 32.09
C TYR A 180 7.35 -24.23 32.05
N PHE A 181 8.61 -23.81 32.15
CA PHE A 181 8.94 -22.39 32.08
C PHE A 181 8.61 -21.80 30.72
N GLN A 182 8.90 -22.56 29.67
CA GLN A 182 8.63 -22.15 28.32
C GLN A 182 7.13 -21.99 28.12
N LYS A 183 6.37 -22.94 28.66
CA LYS A 183 4.90 -22.93 28.60
C LYS A 183 4.32 -21.72 29.35
N ASP A 184 4.90 -21.40 30.50
CA ASP A 184 4.47 -20.24 31.29
C ASP A 184 4.69 -18.95 30.47
N SER A 185 5.87 -18.85 29.85
CA SER A 185 6.21 -17.71 29.01
C SER A 185 5.27 -17.48 27.83
N VAL A 186 5.02 -18.52 27.03
CA VAL A 186 4.07 -18.39 25.91
C VAL A 186 2.59 -18.25 26.35
N THR A 187 2.24 -18.83 27.50
CA THR A 187 0.92 -18.57 28.10
C THR A 187 0.70 -17.06 28.35
N GLN A 188 1.71 -16.40 28.90
CA GLN A 188 1.71 -14.95 29.12
C GLN A 188 1.56 -14.15 27.83
N VAL A 189 2.38 -14.48 26.83
CA VAL A 189 2.30 -13.85 25.50
C VAL A 189 0.93 -14.02 24.83
N GLN A 190 0.41 -15.24 24.80
CA GLN A 190 -0.91 -15.51 24.23
C GLN A 190 -1.97 -14.58 24.82
N LYS A 191 -2.00 -14.46 26.15
CA LYS A 191 -3.02 -13.68 26.84
C LYS A 191 -2.90 -12.18 26.61
N ALA A 192 -1.67 -11.63 26.67
CA ALA A 192 -1.47 -10.21 26.42
C ALA A 192 -1.72 -9.79 24.97
N ALA A 193 -1.36 -10.67 24.02
CA ALA A 193 -1.57 -10.41 22.62
C ALA A 193 -3.04 -10.59 22.21
N ALA A 195 -5.52 -9.83 24.20
CA ALA A 195 -6.13 -8.61 24.71
C ALA A 195 -5.87 -7.40 23.79
N ILE A 196 -4.63 -7.24 23.32
CA ILE A 196 -4.32 -6.20 22.33
C ILE A 196 -5.12 -6.40 21.03
N ASN A 197 -5.11 -7.61 20.47
CA ASN A 197 -5.92 -7.95 19.30
C ASN A 197 -7.42 -7.59 19.44
N ALA A 198 -8.05 -8.06 20.51
CA ALA A 198 -9.48 -7.80 20.76
C ALA A 198 -9.73 -6.30 20.86
N GLN A 199 -8.80 -5.59 21.50
CA GLN A 199 -8.98 -4.17 21.71
C GLN A 199 -8.95 -3.43 20.38
N VAL A 200 -7.98 -3.73 19.52
CA VAL A 200 -7.90 -3.07 18.22
C VAL A 200 -9.08 -3.38 17.33
N LEU A 201 -9.54 -4.63 17.31
CA LEU A 201 -10.72 -4.99 16.53
C LEU A 201 -11.96 -4.23 17.00
N SER A 202 -12.08 -4.01 18.32
CA SER A 202 -13.18 -3.22 18.88
C SER A 202 -13.13 -1.76 18.40
N GLU A 203 -11.96 -1.30 17.99
CA GLU A 203 -11.79 0.10 17.52
C GLU A 203 -11.91 0.26 16.00
N GLU A 205 -13.79 -0.11 12.20
CA GLU A 205 -15.12 0.22 11.70
C GLU A 205 -15.82 -0.99 11.09
N ILE A 206 -17.11 -1.10 11.36
CA ILE A 206 -17.94 -2.15 10.77
C ILE A 206 -18.38 -1.70 9.38
N PRO A 207 -18.00 -2.48 8.35
CA PRO A 207 -18.35 -2.26 6.96
C PRO A 207 -19.85 -2.37 6.71
N GLU A 208 -20.36 -1.45 5.90
CA GLU A 208 -21.76 -1.48 5.45
C GLU A 208 -22.14 -2.80 4.80
N SER A 209 -21.17 -3.44 4.15
CA SER A 209 -21.37 -4.78 3.61
C SER A 209 -21.73 -5.81 4.66
N TYR A 210 -21.11 -5.74 5.82
CA TYR A 210 -21.50 -6.58 6.98
C TYR A 210 -22.90 -6.23 7.47
N ILE A 211 -23.17 -4.94 7.56
CA ILE A 211 -24.43 -4.44 8.09
C ILE A 211 -25.62 -4.87 7.22
N ASP A 212 -25.46 -4.77 5.90
CA ASP A 212 -26.53 -5.15 4.97
C ASP A 212 -26.80 -6.66 4.95
N SER A 213 -25.83 -7.45 5.42
CA SER A 213 -25.95 -8.90 5.50
C SER A 213 -26.73 -9.39 6.74
N LEU A 214 -26.89 -8.49 7.72
CA LEU A 214 -27.44 -8.84 9.04
C LEU A 214 -28.92 -9.25 8.97
N PRO A 215 -29.29 -10.30 9.75
CA PRO A 215 -30.71 -10.63 9.87
C PRO A 215 -31.49 -9.43 10.43
N LYS A 216 -32.82 -9.49 10.35
CA LYS A 216 -33.66 -8.39 10.81
C LYS A 216 -33.60 -8.23 12.33
N ASN A 217 -33.32 -9.35 13.01
CA ASN A 217 -33.55 -9.45 14.44
C ASN A 217 -32.46 -10.17 15.17
N GLY A 218 -32.25 -9.77 16.43
CA GLY A 218 -31.39 -10.52 17.35
C GLY A 218 -31.92 -11.93 17.46
N ARG A 219 -33.24 -12.07 17.58
CA ARG A 219 -33.90 -13.38 17.60
C ARG A 219 -33.63 -14.20 16.33
N ALA A 220 -33.70 -13.55 15.17
CA ALA A 220 -33.39 -14.17 13.89
C ALA A 220 -31.94 -14.63 13.75
N SER A 221 -30.98 -13.88 14.29
CA SER A 221 -29.57 -14.28 14.20
C SER A 221 -29.20 -15.38 15.19
N LEU A 222 -29.80 -15.33 16.38
CA LEU A 222 -29.52 -16.34 17.40
C LEU A 222 -30.23 -17.67 17.15
N GLY A 223 -31.46 -17.59 16.64
CA GLY A 223 -32.39 -18.73 16.63
C GLY A 223 -33.23 -18.71 17.89
N ASP A 224 -34.38 -19.35 17.84
CA ASP A 224 -35.38 -19.25 18.92
C ASP A 224 -34.94 -19.85 20.27
N SER A 225 -34.23 -20.97 20.23
CA SER A 225 -33.76 -21.63 21.46
C SER A 225 -32.65 -20.83 22.17
N ILE A 226 -31.66 -20.37 21.41
CA ILE A 226 -30.56 -19.57 21.97
C ILE A 226 -31.07 -18.21 22.47
N TYR A 227 -31.91 -17.57 21.67
CA TYR A 227 -32.53 -16.30 22.06
C TYR A 227 -33.26 -16.36 23.41
N LYS A 228 -34.10 -17.37 23.57
CA LYS A 228 -34.86 -17.59 24.81
C LYS A 228 -33.90 -17.73 26.00
N SER A 229 -32.84 -18.51 25.83
CA SER A 229 -31.85 -18.72 26.87
C SER A 229 -31.13 -17.46 27.32
N ILE A 230 -30.77 -16.61 26.36
CA ILE A 230 -30.00 -15.40 26.63
C ILE A 230 -30.86 -14.27 27.17
N THR A 231 -32.17 -14.37 26.98
CA THR A 231 -33.12 -13.42 27.56
C THR A 231 -33.82 -13.92 28.81
N GLU A 232 -33.37 -15.06 29.34
CA GLU A 232 -33.93 -15.59 30.56
C GLU A 232 -33.82 -14.55 31.66
N GLU A 233 -34.76 -14.56 32.59
CA GLU A 233 -34.67 -13.70 33.75
C GLU A 233 -33.39 -13.85 34.55
N TRP A 234 -32.98 -15.08 34.82
CA TRP A 234 -31.71 -15.35 35.47
C TRP A 234 -30.75 -16.09 34.57
N PHE A 235 -29.49 -15.67 34.60
CA PHE A 235 -28.53 -16.04 33.56
C PHE A 235 -27.13 -16.23 34.12
N ASP A 236 -26.50 -17.32 33.71
CA ASP A 236 -25.10 -17.63 33.99
C ASP A 236 -24.53 -18.06 32.65
N PRO A 237 -23.53 -17.32 32.15
CA PRO A 237 -22.96 -17.64 30.82
C PRO A 237 -22.27 -19.03 30.76
N GLU A 238 -21.83 -19.53 31.91
CA GLU A 238 -21.24 -20.85 32.01
C GLU A 238 -22.35 -21.89 31.80
N GLN A 239 -23.47 -21.71 32.51
CA GLN A 239 -24.66 -22.55 32.37
C GLN A 239 -25.28 -22.45 30.96
N PHE A 240 -25.24 -21.27 30.37
CA PHE A 240 -25.68 -21.05 28.99
C PHE A 240 -24.91 -21.93 28.00
N LEU A 241 -23.60 -22.05 28.18
CA LEU A 241 -22.75 -22.78 27.24
C LEU A 241 -22.73 -24.29 27.42
N ALA A 242 -22.94 -24.73 28.67
CA ALA A 242 -22.99 -26.15 29.00
C ALA A 242 -24.17 -26.86 28.36
N LEU A 244 -25.27 -26.35 25.45
CA LEU A 244 -25.00 -26.32 24.02
C LEU A 244 -23.99 -27.37 23.57
N ASP A 245 -24.19 -27.85 22.36
CA ASP A 245 -23.19 -28.60 21.61
C ASP A 245 -22.01 -27.74 21.17
N SER A 247 -18.89 -29.08 20.54
CA SER A 247 -18.01 -30.23 20.44
C SER A 247 -17.01 -30.02 19.32
N THR A 248 -17.44 -29.29 18.30
CA THR A 248 -16.53 -28.97 17.19
C THR A 248 -16.21 -27.48 17.09
N GLU A 249 -15.01 -27.20 16.55
CA GLU A 249 -14.56 -25.86 16.24
C GLU A 249 -15.59 -25.09 15.39
N HIS A 250 -16.32 -25.81 14.52
CA HIS A 250 -17.31 -25.18 13.63
C HIS A 250 -18.63 -24.82 14.33
N LYS A 251 -19.02 -25.62 15.32
CA LYS A 251 -20.17 -25.30 16.16
C LYS A 251 -19.93 -24.04 17.04
N VAL A 252 -18.72 -23.92 17.60
CA VAL A 252 -18.35 -22.75 18.42
C VAL A 252 -18.26 -21.48 17.59
N LEU A 253 -17.62 -21.57 16.41
CA LEU A 253 -17.49 -20.43 15.52
C LEU A 253 -18.87 -19.97 15.03
N ASP A 254 -19.77 -20.92 14.80
CA ASP A 254 -21.12 -20.60 14.40
C ASP A 254 -21.80 -19.77 15.48
N LEU A 255 -21.67 -20.23 16.73
CA LEU A 255 -22.24 -19.54 17.88
C LEU A 255 -21.67 -18.13 18.01
N LYS A 256 -20.37 -18.01 17.93
CA LYS A 256 -19.71 -16.75 17.98
C LYS A 256 -20.23 -15.79 16.92
N ASN A 257 -20.36 -16.26 15.71
CA ASN A 257 -20.87 -15.45 14.61
C ASN A 257 -22.29 -14.93 14.82
N ARG A 258 -23.19 -15.80 15.27
CA ARG A 258 -24.55 -15.38 15.66
C ARG A 258 -24.56 -14.38 16.80
N ILE A 259 -23.76 -14.62 17.82
CA ILE A 259 -23.69 -13.68 18.96
C ILE A 259 -23.19 -12.31 18.52
N GLU A 260 -22.08 -12.27 17.77
CA GLU A 260 -21.55 -11.00 17.30
C GLU A 260 -22.53 -10.23 16.40
N ALA A 261 -23.26 -10.96 15.56
CA ALA A 261 -24.30 -10.34 14.72
C ALA A 261 -25.38 -9.71 15.58
N SER A 262 -25.89 -10.44 16.57
CA SER A 262 -26.94 -9.95 17.48
C SER A 262 -26.54 -8.68 18.23
N VAL A 263 -25.29 -8.61 18.66
CA VAL A 263 -24.76 -7.42 19.31
C VAL A 263 -24.76 -6.21 18.35
N VAL A 264 -24.29 -6.40 17.12
CA VAL A 264 -24.36 -5.32 16.12
C VAL A 264 -25.82 -4.88 15.90
N ILE A 265 -26.72 -5.85 15.71
CA ILE A 265 -28.16 -5.59 15.54
C ILE A 265 -28.72 -4.80 16.72
N TRP A 266 -28.42 -5.24 17.94
CA TRP A 266 -28.91 -4.55 19.13
C TRP A 266 -28.30 -3.18 19.35
N LYS A 267 -27.01 -3.04 19.06
CA LYS A 267 -26.37 -1.74 19.28
C LYS A 267 -26.88 -0.65 18.32
N ARG A 268 -27.38 -1.06 17.17
CA ARG A 268 -27.90 -0.10 16.19
C ARG A 268 -29.39 0.20 16.37
N LYS A 269 -30.05 -0.58 17.21
CA LYS A 269 -31.50 -0.50 17.35
C LYS A 269 -31.88 0.72 18.18
N SER A 284 -37.54 -2.88 24.55
CA SER A 284 -37.14 -2.10 25.72
C SER A 284 -35.64 -1.76 25.68
N LEU A 285 -35.29 -0.62 26.26
CA LEU A 285 -33.92 -0.18 26.37
C LEU A 285 -33.14 -0.87 27.47
N GLU A 286 -33.58 -0.74 28.70
CA GLU A 286 -32.92 -1.41 29.81
C GLU A 286 -32.58 -2.84 29.42
N LYS A 287 -33.46 -3.46 28.65
CA LYS A 287 -33.40 -4.89 28.45
C LYS A 287 -32.55 -5.27 27.25
N ARG A 288 -32.56 -4.44 26.22
CA ARG A 288 -31.63 -4.56 25.12
C ARG A 288 -30.20 -4.45 25.65
N GLU A 289 -30.02 -3.52 26.58
CA GLU A 289 -28.70 -3.24 27.13
C GLU A 289 -28.23 -4.46 27.91
N LEU A 290 -29.16 -5.12 28.60
CA LEU A 290 -28.86 -6.35 29.32
C LEU A 290 -28.45 -7.49 28.41
N PHE A 291 -29.19 -7.70 27.32
CA PHE A 291 -28.88 -8.82 26.41
C PHE A 291 -27.54 -8.60 25.73
N GLU A 292 -27.28 -7.35 25.36
CA GLU A 292 -26.01 -6.96 24.77
C GLU A 292 -24.88 -7.33 25.69
N GLU A 293 -24.99 -6.90 26.94
CA GLU A 293 -23.97 -7.16 27.96
C GLU A 293 -23.76 -8.67 28.22
N ARG A 294 -24.84 -9.44 28.28
CA ARG A 294 -24.75 -10.90 28.42
C ARG A 294 -24.01 -11.53 27.24
N ALA A 295 -24.37 -11.10 26.03
CA ALA A 295 -23.68 -11.48 24.82
C ALA A 295 -22.19 -11.20 24.83
N GLU A 296 -21.82 -10.01 25.28
CA GLU A 296 -20.41 -9.66 25.37
C GLU A 296 -19.69 -10.49 26.40
N THR A 297 -20.38 -10.84 27.47
CA THR A 297 -19.87 -11.78 28.44
C THR A 297 -19.61 -13.17 27.86
N ILE A 298 -20.51 -13.66 27.01
CA ILE A 298 -20.31 -14.96 26.37
C ILE A 298 -19.12 -14.90 25.39
N LEU A 299 -19.04 -13.80 24.64
CA LEU A 299 -17.91 -13.58 23.72
C LEU A 299 -16.57 -13.62 24.44
N VAL A 300 -16.52 -13.03 25.62
CA VAL A 300 -15.30 -13.09 26.46
C VAL A 300 -15.01 -14.52 26.98
N LEU A 301 -16.03 -15.29 27.32
CA LEU A 301 -15.81 -16.68 27.75
C LEU A 301 -15.28 -17.55 26.61
N LEU A 302 -15.78 -17.30 25.41
CA LEU A 302 -15.33 -18.03 24.24
C LEU A 302 -13.85 -17.84 23.92
N LYS A 303 -13.36 -16.61 24.09
CA LYS A 303 -11.95 -16.32 23.88
C LYS A 303 -11.07 -17.08 24.84
N GLN A 304 -11.55 -17.27 26.06
CA GLN A 304 -10.79 -17.95 27.09
C GLN A 304 -10.83 -19.45 26.92
N LYS A 305 -12.01 -19.96 26.62
CA LYS A 305 -12.19 -21.38 26.50
C LYS A 305 -11.61 -21.89 25.20
N PHE A 306 -11.63 -21.05 24.17
CA PHE A 306 -11.23 -21.48 22.84
C PHE A 306 -10.27 -20.49 22.16
N PRO A 307 -9.02 -20.38 22.69
CA PRO A 307 -8.08 -19.37 22.20
C PRO A 307 -7.59 -19.57 20.77
N GLY A 308 -7.85 -20.75 20.21
CA GLY A 308 -7.35 -21.06 18.88
C GLY A 308 -8.44 -21.06 17.82
N LEU A 309 -9.64 -20.61 18.21
CA LEU A 309 -10.75 -20.47 17.29
C LEU A 309 -10.32 -19.56 16.16
N PRO A 310 -10.72 -19.89 14.92
CA PRO A 310 -10.47 -19.00 13.78
C PRO A 310 -11.15 -17.63 13.96
N GLN A 311 -10.78 -16.69 13.10
CA GLN A 311 -11.32 -15.35 13.15
C GLN A 311 -12.78 -15.30 12.69
N SER A 312 -13.61 -14.55 13.40
CA SER A 312 -15.04 -14.49 13.12
C SER A 312 -15.34 -13.82 11.78
N SER A 313 -16.55 -13.99 11.26
CA SER A 313 -16.99 -13.27 10.05
C SER A 313 -16.86 -11.75 10.22
N LEU A 314 -17.07 -11.24 11.43
CA LEU A 314 -16.97 -9.80 11.68
C LEU A 314 -15.53 -9.37 11.66
N ASP A 315 -14.65 -10.18 12.24
CA ASP A 315 -13.23 -9.87 12.26
C ASP A 315 -12.73 -9.72 10.85
N ILE A 316 -13.05 -10.69 10.01
CA ILE A 316 -12.56 -10.76 8.64
C ILE A 316 -13.07 -9.60 7.79
N SER A 317 -14.35 -9.28 7.97
CA SER A 317 -14.98 -8.10 7.36
C SER A 317 -14.28 -6.77 7.73
N LYS A 318 -14.03 -6.57 9.03
CA LYS A 318 -13.31 -5.40 9.51
C LYS A 318 -11.93 -5.29 8.89
N ILE A 319 -11.25 -6.43 8.79
CA ILE A 319 -9.88 -6.46 8.24
C ILE A 319 -9.85 -6.13 6.75
N GLN A 320 -10.71 -6.77 5.98
CA GLN A 320 -10.81 -6.57 4.53
C GLN A 320 -11.17 -5.13 4.12
N PHE A 321 -11.98 -4.46 4.95
CA PHE A 321 -12.45 -3.09 4.73
C PHE A 321 -11.52 -2.01 5.30
N ASN A 322 -10.80 -2.33 6.38
CA ASN A 322 -9.99 -1.33 7.09
C ASN A 322 -8.96 -0.62 6.19
N LYS A 323 -8.98 0.71 6.16
CA LYS A 323 -8.00 1.51 5.42
C LYS A 323 -6.95 2.13 6.34
N ASP A 324 -7.19 2.01 7.65
CA ASP A 324 -6.28 2.55 8.66
C ASP A 324 -5.02 1.66 8.80
N VAL A 325 -3.88 2.21 8.38
CA VAL A 325 -2.60 1.49 8.35
C VAL A 325 -2.07 1.11 9.75
N GLY A 326 -2.25 2.01 10.73
CA GLY A 326 -1.89 1.72 12.12
C GLY A 326 -2.66 0.56 12.71
N GLN A 327 -3.95 0.56 12.56
CA GLN A 327 -4.78 -0.55 13.02
C GLN A 327 -4.51 -1.89 12.31
N ALA A 328 -4.24 -1.80 11.00
CA ALA A 328 -3.88 -3.00 10.23
C ALA A 328 -2.63 -3.69 10.76
N VAL A 329 -1.65 -2.89 11.15
CA VAL A 329 -0.37 -3.38 11.66
C VAL A 329 -0.60 -3.87 13.08
N LEU A 330 -1.32 -3.08 13.88
CA LEU A 330 -1.72 -3.50 15.22
C LEU A 330 -2.49 -4.82 15.24
N GLU A 331 -3.50 -4.93 14.39
CA GLU A 331 -4.37 -6.10 14.41
C GLU A 331 -3.61 -7.34 13.96
N SER A 332 -2.90 -7.23 12.85
CA SER A 332 -2.20 -8.36 12.25
C SER A 332 -1.05 -8.83 13.12
N TYR A 333 -0.25 -7.90 13.64
CA TYR A 333 0.91 -8.24 14.49
C TYR A 333 0.48 -8.89 15.83
N SER A 334 -0.58 -8.37 16.47
CA SER A 334 -1.09 -8.98 17.71
C SER A 334 -1.66 -10.37 17.48
N ARG A 335 -2.43 -10.53 16.40
CA ARG A 335 -3.02 -11.83 16.02
C ARG A 335 -1.96 -12.90 15.73
N ILE A 336 -0.95 -12.51 14.98
CA ILE A 336 0.19 -13.39 14.67
C ILE A 336 0.92 -13.87 15.94
N LEU A 337 1.16 -12.97 16.88
CA LEU A 337 1.87 -13.29 18.13
C LEU A 337 1.01 -14.12 19.10
N GLU A 338 -0.28 -13.80 19.21
CA GLU A 338 -1.25 -14.60 19.95
C GLU A 338 -1.33 -16.03 19.42
N SER A 339 -1.38 -16.15 18.11
CA SER A 339 -1.61 -17.42 17.43
C SER A 339 -0.39 -18.35 17.56
N LEU A 340 0.80 -17.80 17.39
CA LEU A 340 2.05 -18.55 17.56
C LEU A 340 2.26 -18.96 19.00
N ALA A 341 2.03 -18.04 19.94
CA ALA A 341 2.11 -18.38 21.36
C ALA A 341 1.09 -19.46 21.76
N TYR A 342 -0.11 -19.39 21.22
CA TYR A 342 -1.12 -20.43 21.45
C TYR A 342 -0.65 -21.80 20.94
N THR A 343 -0.15 -21.84 19.71
CA THR A 343 0.30 -23.10 19.08
C THR A 343 1.48 -23.70 19.85
N VAL A 344 2.43 -22.86 20.25
CA VAL A 344 3.59 -23.34 21.01
C VAL A 344 3.14 -23.86 22.39
N SER A 346 0.22 -25.13 23.20
CA SER A 346 -0.49 -26.38 22.99
C SER A 346 0.43 -27.56 22.72
N ARG A 347 1.45 -27.33 21.89
CA ARG A 347 2.49 -28.32 21.56
C ARG A 347 3.33 -28.72 22.79
N ILE A 348 3.68 -27.75 23.63
CA ILE A 348 4.36 -28.05 24.88
C ILE A 348 3.43 -28.83 25.80
N GLU A 349 2.17 -28.38 25.94
CA GLU A 349 1.12 -29.16 26.59
C GLU A 349 1.08 -30.60 26.08
N ASP A 350 1.16 -30.79 24.76
CA ASP A 350 1.20 -32.15 24.21
C ASP A 350 2.38 -32.96 24.74
N VAL A 351 3.56 -32.36 24.84
CA VAL A 351 4.71 -33.11 25.35
C VAL A 351 4.64 -33.39 26.86
N LEU A 352 4.20 -32.42 27.65
CA LEU A 352 4.11 -32.60 29.09
C LEU A 352 3.05 -33.64 29.49
N TYR A 353 1.98 -33.72 28.70
CA TYR A 353 0.91 -34.70 28.90
C TYR A 353 1.45 -36.11 28.65
N THR A 354 2.11 -36.31 27.52
CA THR A 354 2.65 -37.63 27.22
C THR A 354 3.81 -37.98 28.14
N ASP A 355 4.45 -36.97 28.73
CA ASP A 355 5.42 -37.21 29.82
C ASP A 355 4.73 -37.73 31.09
N THR A 356 3.52 -37.24 31.36
CA THR A 356 2.69 -37.66 32.49
C THR A 356 2.22 -39.12 32.34
N LEU A 357 1.97 -39.53 31.10
CA LEU A 357 1.64 -40.95 30.80
C LEU A 357 2.84 -41.87 31.01
N ALA A 358 4.04 -41.35 30.75
CA ALA A 358 5.26 -42.15 30.83
C ALA A 358 5.73 -42.41 32.27
N LEU A 359 5.59 -41.40 33.14
CA LEU A 359 5.93 -41.53 34.57
C LEU A 359 4.95 -42.43 35.33
N LYS A 360 3.73 -42.54 34.79
CA LYS A 360 2.71 -43.47 35.26
C LYS A 360 3.00 -44.88 34.73
N GLN A 361 3.48 -44.94 33.49
CA GLN A 361 3.88 -46.21 32.85
C GLN A 361 5.15 -46.80 33.46
N THR A 362 6.10 -45.94 33.84
CA THR A 362 7.34 -46.37 34.47
C THR A 362 7.24 -46.31 35.99
N ARG B 3 32.40 0.08 5.17
CA ARG B 3 31.12 0.09 4.41
C ARG B 3 29.90 -0.29 5.24
N SER B 4 30.11 -1.11 6.27
CA SER B 4 29.02 -1.66 7.08
C SER B 4 28.03 -0.62 7.59
N GLU B 5 28.56 0.46 8.19
CA GLU B 5 27.74 1.56 8.71
C GLU B 5 27.12 2.38 7.57
N ARG B 6 27.88 2.53 6.49
CA ARG B 6 27.39 3.20 5.27
C ARG B 6 26.28 2.41 4.56
N GLN B 7 26.38 1.07 4.60
CA GLN B 7 25.32 0.20 4.05
C GLN B 7 24.07 0.24 4.94
N GLN B 8 24.28 0.26 6.26
CA GLN B 8 23.20 0.40 7.24
C GLN B 8 22.42 1.72 7.07
N ALA B 9 23.14 2.82 6.85
CA ALA B 9 22.52 4.15 6.70
C ALA B 9 21.59 4.25 5.51
N ASP B 10 22.01 3.67 4.40
CA ASP B 10 21.22 3.69 3.17
C ASP B 10 20.01 2.78 3.27
N GLU B 12 18.39 2.11 5.94
CA GLU B 12 17.50 2.84 6.84
C GLU B 12 16.75 3.99 6.17
N LYS B 15 14.15 2.45 3.67
CA LYS B 15 13.03 1.98 4.48
C LYS B 15 12.11 3.16 4.81
N ASP B 16 12.64 4.28 5.28
CA ASP B 16 11.89 5.46 5.69
C ASP B 16 11.04 6.00 4.55
N ARG B 17 11.62 6.18 3.40
CA ARG B 17 10.91 6.73 2.24
C ARG B 17 9.79 5.81 1.78
N PHE B 18 10.06 4.51 1.78
CA PHE B 18 9.11 3.48 1.39
C PHE B 18 7.96 3.41 2.38
N ALA B 19 8.31 3.18 3.65
CA ALA B 19 7.36 3.26 4.77
C ALA B 19 6.45 4.51 4.71
N LYS B 20 7.02 5.69 4.45
CA LYS B 20 6.21 6.91 4.34
C LYS B 20 5.18 6.84 3.22
N LEU B 21 5.56 6.25 2.07
CA LEU B 21 4.70 6.18 0.88
C LEU B 21 3.46 5.29 1.05
N LEU B 22 3.58 4.30 1.94
CA LEU B 22 2.47 3.40 2.28
C LEU B 22 1.27 4.12 2.87
N LEU B 23 1.49 5.31 3.42
CA LEU B 23 0.44 6.15 4.02
C LEU B 23 -0.34 6.99 3.00
N GLY B 24 0.15 7.02 1.76
CA GLY B 24 -0.46 7.83 0.70
C GLY B 24 -0.65 9.28 1.11
N GLU B 25 0.34 9.82 1.84
CA GLU B 25 0.39 11.26 2.19
C GLU B 25 -0.52 11.62 3.36
N ASP B 26 -1.25 10.63 3.87
CA ASP B 26 -2.06 10.80 5.08
C ASP B 26 -1.28 10.30 6.30
N SER B 28 -1.72 10.94 9.41
CA SER B 28 -2.56 10.58 10.56
C SER B 28 -2.75 9.08 10.65
N GLY B 29 -2.51 8.39 9.54
CA GLY B 29 -2.55 6.94 9.46
C GLY B 29 -3.90 6.32 9.16
N GLY B 30 -4.93 7.16 9.00
CA GLY B 30 -6.31 6.71 8.76
C GLY B 30 -6.57 6.21 7.34
N GLY B 31 -5.57 6.31 6.47
CA GLY B 31 -5.77 5.94 5.07
C GLY B 31 -6.83 6.85 4.43
N LYS B 32 -6.72 8.15 4.69
CA LYS B 32 -7.64 9.10 4.09
C LYS B 32 -7.32 9.72 2.71
N GLY B 33 -6.56 9.08 1.84
CA GLY B 33 -5.08 9.06 1.74
C GLY B 33 -5.11 9.08 0.18
N VAL B 34 -3.99 9.13 -0.54
CA VAL B 34 -4.06 8.89 -2.00
C VAL B 34 -3.61 7.46 -2.35
N SER B 35 -3.85 7.02 -3.59
CA SER B 35 -3.36 5.71 -4.06
C SER B 35 -1.82 5.67 -4.05
N SER B 36 -1.24 4.47 -4.02
CA SER B 36 0.22 4.33 -4.15
C SER B 36 0.76 4.92 -5.43
N ALA B 37 0.00 4.79 -6.53
CA ALA B 37 0.37 5.38 -7.81
C ALA B 37 0.54 6.89 -7.72
N LEU B 38 -0.45 7.60 -7.16
CA LEU B 38 -0.38 9.04 -7.03
C LEU B 38 0.70 9.50 -6.06
N ALA B 39 0.81 8.81 -4.91
CA ALA B 39 1.90 9.03 -3.95
C ALA B 39 3.26 8.95 -4.62
N LEU B 40 3.47 7.90 -5.44
CA LEU B 40 4.73 7.73 -6.17
C LEU B 40 4.95 8.81 -7.23
N SER B 41 3.91 9.13 -7.98
CA SER B 41 3.92 10.27 -8.94
C SER B 41 4.37 11.58 -8.27
N ASN B 42 3.72 11.96 -7.23
CA ASN B 42 4.03 13.15 -6.44
C ASN B 42 5.45 13.17 -5.85
N ALA B 43 5.87 12.00 -5.34
CA ALA B 43 7.20 11.90 -4.72
C ALA B 43 8.31 12.15 -5.75
N ILE B 44 8.13 11.70 -6.98
CA ILE B 44 9.06 11.99 -8.10
C ILE B 44 9.06 13.48 -8.42
N THR B 45 7.86 14.06 -8.51
CA THR B 45 7.68 15.49 -8.73
C THR B 45 8.38 16.31 -7.64
N ASN B 46 8.13 15.98 -6.37
CA ASN B 46 8.65 16.75 -5.26
C ASN B 46 10.15 16.54 -5.05
N LEU B 47 10.66 15.36 -5.39
CA LEU B 47 12.11 15.11 -5.34
C LEU B 47 12.84 16.04 -6.32
N ALA B 48 12.35 16.09 -7.57
CA ALA B 48 12.94 16.94 -8.61
C ALA B 48 12.97 18.43 -8.22
N ALA B 49 11.85 18.94 -7.71
CA ALA B 49 11.75 20.32 -7.25
C ALA B 49 12.76 20.58 -6.14
N SER B 50 12.90 19.64 -5.22
CA SER B 50 13.87 19.79 -4.16
C SER B 50 15.32 19.77 -4.64
N ILE B 51 15.61 18.90 -5.60
CA ILE B 51 16.96 18.75 -6.11
C ILE B 51 17.36 19.93 -6.99
N PHE B 52 16.45 20.34 -7.87
CA PHE B 52 16.76 21.27 -8.94
C PHE B 52 16.23 22.66 -8.67
N GLY B 53 15.11 22.74 -7.99
CA GLY B 53 14.34 23.98 -7.92
C GLY B 53 14.11 24.64 -9.26
N GLU B 54 14.58 25.87 -9.39
CA GLU B 54 14.24 26.74 -10.51
C GLU B 54 15.38 26.87 -11.50
N GLN B 55 16.58 26.50 -11.07
CA GLN B 55 17.68 26.26 -11.98
C GLN B 55 18.03 27.50 -12.80
N LYS B 57 20.69 28.97 -12.31
CA LYS B 57 21.73 29.23 -13.31
C LYS B 57 22.38 27.96 -13.80
N LEU B 58 23.29 28.09 -14.75
CA LEU B 58 23.84 26.98 -15.47
C LEU B 58 25.14 26.57 -14.87
N GLN B 59 25.11 25.71 -13.88
CA GLN B 59 26.32 25.24 -13.22
C GLN B 59 26.25 23.74 -13.12
N PRO B 60 27.35 23.11 -12.76
CA PRO B 60 27.27 21.72 -12.30
C PRO B 60 26.37 21.60 -11.09
N PRO B 62 25.84 20.24 -7.48
CA PRO B 62 26.76 19.84 -6.40
C PRO B 62 26.79 18.31 -6.23
N GLN B 63 27.98 17.79 -5.92
CA GLN B 63 28.21 16.36 -5.74
C GLN B 63 27.22 15.72 -4.76
N ASP B 64 26.87 16.47 -3.72
CA ASP B 64 25.96 16.01 -2.68
C ASP B 64 24.53 15.86 -3.20
N ARG B 65 24.13 16.74 -4.11
CA ARG B 65 22.79 16.68 -4.69
C ARG B 65 22.71 15.64 -5.79
N GLN B 66 23.78 15.47 -6.56
CA GLN B 66 23.88 14.42 -7.57
C GLN B 66 23.65 13.05 -6.95
N ALA B 67 24.31 12.83 -5.81
CA ALA B 67 24.24 11.56 -5.09
C ALA B 67 22.86 11.27 -4.53
N ARG B 68 22.18 12.31 -4.04
CA ARG B 68 20.83 12.19 -3.47
C ARG B 68 19.83 11.89 -4.59
N TRP B 69 19.86 12.72 -5.62
CA TRP B 69 19.11 12.51 -6.86
C TRP B 69 19.23 11.09 -7.39
N LYS B 70 20.45 10.58 -7.47
CA LYS B 70 20.73 9.25 -8.02
C LYS B 70 20.07 8.17 -7.16
N LYS B 71 20.39 8.21 -5.88
CA LYS B 71 19.87 7.33 -4.83
C LYS B 71 18.34 7.31 -4.79
N GLU B 72 17.73 8.47 -4.63
CA GLU B 72 16.28 8.54 -4.46
C GLU B 72 15.46 8.22 -5.70
N ILE B 73 15.98 8.56 -6.87
CA ILE B 73 15.36 8.10 -8.12
C ILE B 73 15.54 6.58 -8.28
N ASP B 74 16.72 6.05 -7.94
CA ASP B 74 16.87 4.59 -7.91
C ASP B 74 15.75 3.90 -7.11
N TRP B 75 15.50 4.39 -5.90
CA TRP B 75 14.46 3.82 -5.04
C TRP B 75 13.00 4.02 -5.54
N LEU B 76 12.68 5.23 -6.02
CA LEU B 76 11.34 5.50 -6.59
C LEU B 76 11.02 4.67 -7.84
N LEU B 77 12.04 4.35 -8.63
CA LEU B 77 11.85 3.59 -9.86
C LEU B 77 11.82 2.09 -9.62
N SER B 78 12.37 1.65 -8.49
CA SER B 78 12.63 0.24 -8.28
C SER B 78 11.37 -0.59 -8.29
N VAL B 79 10.25 0.00 -7.85
CA VAL B 79 8.96 -0.69 -7.87
C VAL B 79 8.62 -1.23 -9.28
N THR B 80 9.12 -0.57 -10.32
CA THR B 80 8.76 -0.92 -11.68
C THR B 80 9.44 -2.20 -12.17
N ASP B 81 10.56 -2.57 -11.52
CA ASP B 81 11.23 -3.87 -11.72
C ASP B 81 10.29 -5.06 -11.49
N HIS B 82 9.26 -4.86 -10.67
CA HIS B 82 8.41 -5.94 -10.21
C HIS B 82 7.11 -5.97 -10.97
N ILE B 83 6.95 -5.02 -11.89
CA ILE B 83 5.79 -4.98 -12.77
C ILE B 83 6.06 -5.78 -14.04
N VAL B 84 5.28 -6.84 -14.18
CA VAL B 84 5.72 -7.99 -14.95
C VAL B 84 4.53 -8.63 -15.70
N GLU B 85 4.81 -9.39 -16.77
CA GLU B 85 3.76 -10.08 -17.53
C GLU B 85 4.27 -11.39 -18.11
N PHE B 86 3.36 -12.30 -18.45
CA PHE B 86 3.72 -13.56 -19.09
C PHE B 86 3.71 -13.46 -20.62
N VAL B 87 4.83 -13.86 -21.24
CA VAL B 87 5.02 -13.81 -22.69
C VAL B 87 5.70 -15.10 -23.20
N PRO B 88 5.43 -15.50 -24.47
CA PRO B 88 6.17 -16.63 -25.04
C PRO B 88 7.67 -16.35 -25.31
N SER B 89 8.53 -17.36 -25.13
CA SER B 89 9.94 -17.31 -25.63
C SER B 89 10.71 -18.60 -25.39
N ILE B 101 8.31 -22.47 -24.59
CA ILE B 101 8.46 -21.82 -23.29
C ILE B 101 7.63 -20.54 -23.16
N VAL B 103 7.78 -17.13 -20.57
CA VAL B 103 8.62 -16.39 -19.63
C VAL B 103 7.91 -15.25 -18.90
N THR B 104 8.38 -14.96 -17.70
CA THR B 104 7.99 -13.76 -16.97
C THR B 104 8.95 -12.62 -17.27
N ARG B 105 8.38 -11.51 -17.73
CA ARG B 105 9.14 -10.42 -18.32
C ARG B 105 8.61 -9.10 -17.76
N GLN B 106 9.48 -8.11 -17.60
CA GLN B 106 9.01 -6.76 -17.32
C GLN B 106 8.00 -6.27 -18.36
N ARG B 107 6.95 -5.64 -17.85
CA ARG B 107 5.84 -5.15 -18.67
C ARG B 107 6.34 -4.29 -19.82
N GLY B 108 5.74 -4.47 -20.97
CA GLY B 108 6.23 -3.90 -22.24
C GLY B 108 6.36 -2.39 -22.32
N ASP B 109 5.46 -1.65 -21.66
CA ASP B 109 5.54 -0.19 -21.59
C ASP B 109 6.69 0.33 -20.69
N LEU B 110 7.28 -0.54 -19.87
CA LEU B 110 8.38 -0.19 -18.94
C LEU B 110 9.73 -0.72 -19.41
N LEU B 111 9.68 -1.87 -20.06
CA LEU B 111 10.84 -2.61 -20.46
C LEU B 111 11.92 -1.75 -21.14
N ASN B 113 11.16 1.77 -21.93
CA ASN B 113 10.97 3.17 -21.51
C ASN B 113 11.72 3.61 -20.25
N ILE B 114 11.79 2.75 -19.25
CA ILE B 114 12.50 3.14 -18.02
C ILE B 114 14.01 3.28 -18.28
N PRO B 115 14.64 2.26 -18.90
CA PRO B 115 16.02 2.50 -19.34
C PRO B 115 16.20 3.76 -20.19
N ALA B 116 15.29 4.03 -21.12
CA ALA B 116 15.40 5.20 -21.99
C ALA B 116 15.39 6.49 -21.16
N LEU B 117 14.55 6.56 -20.14
CA LEU B 117 14.41 7.77 -19.33
C LEU B 117 15.61 8.00 -18.43
N ARG B 118 16.17 6.91 -17.90
CA ARG B 118 17.37 6.98 -17.07
C ARG B 118 18.55 7.53 -17.87
N LYS B 119 18.63 7.12 -19.15
CA LYS B 119 19.56 7.69 -20.13
C LYS B 119 19.44 9.20 -20.29
N LEU B 120 18.23 9.68 -20.59
CA LEU B 120 17.94 11.11 -20.69
C LEU B 120 18.33 11.87 -19.41
N ASP B 121 18.04 11.27 -18.27
CA ASP B 121 18.45 11.80 -16.95
C ASP B 121 19.97 12.04 -16.95
N ALA B 122 20.73 11.00 -17.26
CA ALA B 122 22.20 11.08 -17.29
C ALA B 122 22.73 12.16 -18.23
N LEU B 124 21.26 14.88 -19.12
CA LEU B 124 20.92 16.16 -18.48
C LEU B 124 21.97 16.54 -17.45
N ILE B 125 22.33 15.59 -16.60
CA ILE B 125 23.30 15.84 -15.56
C ILE B 125 24.65 16.12 -16.16
N ASP B 126 24.98 15.40 -17.23
CA ASP B 126 26.21 15.61 -17.99
C ASP B 126 26.28 16.97 -18.63
N THR B 127 25.18 17.40 -19.20
CA THR B 127 25.14 18.70 -19.82
C THR B 127 25.49 19.79 -18.81
N LEU B 128 25.00 19.64 -17.58
CA LEU B 128 25.27 20.58 -16.52
C LEU B 128 26.68 20.42 -15.96
N ASP B 129 27.23 19.23 -16.08
CA ASP B 129 28.59 18.99 -15.63
C ASP B 129 29.58 19.76 -16.48
N ASN B 130 29.21 20.00 -17.74
CA ASN B 130 30.10 20.52 -18.76
C ASN B 130 30.20 22.02 -18.63
N PHE B 131 29.44 22.58 -17.71
CA PHE B 131 29.71 23.91 -17.24
C PHE B 131 30.64 23.87 -16.03
N GLU B 173 35.48 32.05 -26.97
CA GLU B 173 34.24 32.26 -27.70
C GLU B 173 34.21 31.54 -29.05
N PRO B 174 34.75 30.33 -29.10
CA PRO B 174 33.93 29.12 -29.20
C PRO B 174 33.31 28.69 -27.88
N SER B 175 33.13 29.63 -26.97
CA SER B 175 32.03 29.55 -26.03
C SER B 175 30.74 29.29 -26.78
N ARG B 176 30.56 29.98 -27.90
CA ARG B 176 29.33 29.91 -28.66
C ARG B 176 29.10 28.51 -29.18
N ARG B 177 30.16 27.83 -29.56
CA ARG B 177 30.05 26.51 -30.12
C ARG B 177 29.70 25.47 -29.08
N LEU B 179 28.10 26.24 -26.24
CA LEU B 179 26.72 26.53 -25.88
C LEU B 179 25.74 25.98 -26.91
N TYR B 180 26.05 26.15 -28.20
CA TYR B 180 25.22 25.60 -29.28
C TYR B 180 25.07 24.08 -29.14
N PHE B 181 26.20 23.40 -28.95
CA PHE B 181 26.24 21.96 -28.67
C PHE B 181 25.28 21.59 -27.54
N GLN B 182 25.37 22.35 -26.44
CA GLN B 182 24.59 22.10 -25.24
C GLN B 182 23.10 22.24 -25.47
N LYS B 183 22.70 23.28 -26.21
CA LYS B 183 21.30 23.45 -26.55
C LYS B 183 20.81 22.26 -27.35
N ASP B 184 21.61 21.81 -28.33
CA ASP B 184 21.21 20.67 -29.16
C ASP B 184 20.89 19.42 -28.35
N SER B 185 21.80 19.03 -27.45
CA SER B 185 21.62 17.79 -26.70
C SER B 185 20.58 17.90 -25.60
N VAL B 186 20.35 19.11 -25.11
CA VAL B 186 19.25 19.32 -24.16
C VAL B 186 17.93 19.42 -24.91
N THR B 187 17.97 19.88 -26.16
CA THR B 187 16.79 19.86 -27.03
C THR B 187 16.36 18.42 -27.38
N GLN B 188 17.34 17.54 -27.69
CA GLN B 188 17.14 16.08 -27.80
C GLN B 188 16.41 15.51 -26.58
N VAL B 189 16.83 15.93 -25.38
CA VAL B 189 16.24 15.43 -24.13
C VAL B 189 14.81 15.90 -23.99
N GLN B 190 14.58 17.19 -24.19
CA GLN B 190 13.24 17.75 -24.06
C GLN B 190 12.24 17.03 -24.95
N LYS B 191 12.60 16.79 -26.21
CA LYS B 191 11.70 16.18 -27.18
C LYS B 191 11.47 14.69 -26.96
N ALA B 192 12.52 13.98 -26.54
CA ALA B 192 12.45 12.56 -26.28
C ALA B 192 11.60 12.28 -25.04
N ALA B 193 11.86 13.01 -23.94
CA ALA B 193 11.01 12.92 -22.73
C ALA B 193 9.55 13.30 -22.99
N ALA B 195 7.86 12.99 -25.85
CA ALA B 195 7.25 11.89 -26.61
C ALA B 195 6.80 10.76 -25.66
N ILE B 196 7.66 10.39 -24.72
CA ILE B 196 7.34 9.33 -23.76
C ILE B 196 6.20 9.77 -22.86
N ASN B 197 6.28 11.01 -22.35
CA ASN B 197 5.22 11.57 -21.53
C ASN B 197 3.89 11.59 -22.22
N ALA B 198 3.88 12.06 -23.47
CA ALA B 198 2.65 12.14 -24.25
C ALA B 198 2.10 10.74 -24.55
N GLN B 199 2.98 9.78 -24.83
CA GLN B 199 2.56 8.41 -25.08
C GLN B 199 1.90 7.75 -23.86
N VAL B 200 2.53 7.85 -22.69
CA VAL B 200 1.98 7.28 -21.47
C VAL B 200 0.60 7.90 -21.13
N LEU B 201 0.46 9.22 -21.28
CA LEU B 201 -0.81 9.87 -21.04
C LEU B 201 -1.93 9.41 -21.99
N SER B 202 -1.57 9.05 -23.22
CA SER B 202 -2.56 8.55 -24.19
C SER B 202 -3.05 7.15 -23.80
N GLU B 203 -2.28 6.46 -22.93
CA GLU B 203 -2.61 5.10 -22.45
C GLU B 203 -3.32 5.07 -21.11
N GLU B 205 -6.37 6.10 -18.39
CA GLU B 205 -7.83 6.12 -18.46
C GLU B 205 -8.40 7.50 -18.20
N ILE B 206 -9.46 7.86 -18.92
CA ILE B 206 -10.12 9.14 -18.72
C ILE B 206 -11.13 8.90 -17.60
N PRO B 207 -11.04 9.69 -16.51
CA PRO B 207 -11.92 9.54 -15.34
C PRO B 207 -13.34 9.95 -15.65
N GLU B 208 -14.30 9.30 -14.98
CA GLU B 208 -15.71 9.60 -15.10
C GLU B 208 -16.02 11.03 -14.69
N SER B 209 -15.28 11.51 -13.69
CA SER B 209 -15.39 12.90 -13.24
C SER B 209 -15.13 13.90 -14.37
N TYR B 210 -14.11 13.63 -15.20
CA TYR B 210 -13.82 14.44 -16.38
C TYR B 210 -14.96 14.39 -17.38
N ILE B 211 -15.43 13.20 -17.70
CA ILE B 211 -16.54 13.04 -18.63
C ILE B 211 -17.80 13.76 -18.16
N ASP B 212 -18.14 13.64 -16.88
CA ASP B 212 -19.28 14.33 -16.29
C ASP B 212 -19.17 15.84 -16.40
N SER B 213 -17.93 16.35 -16.40
CA SER B 213 -17.64 17.78 -16.50
C SER B 213 -17.82 18.35 -17.91
N LEU B 214 -17.91 17.47 -18.90
CA LEU B 214 -17.85 17.87 -20.31
C LEU B 214 -19.06 18.64 -20.80
N PRO B 215 -18.84 19.63 -21.69
CA PRO B 215 -19.88 20.37 -22.38
C PRO B 215 -20.81 19.46 -23.20
N LYS B 216 -21.95 20.00 -23.63
CA LYS B 216 -22.94 19.25 -24.40
C LYS B 216 -22.36 18.66 -25.70
N ASN B 217 -21.54 19.43 -26.40
CA ASN B 217 -21.05 19.01 -27.71
C ASN B 217 -19.81 19.80 -28.08
N GLY B 218 -19.22 19.47 -29.24
CA GLY B 218 -17.98 20.12 -29.68
C GLY B 218 -18.13 21.59 -29.96
N ARG B 219 -19.31 22.02 -30.42
CA ARG B 219 -19.53 23.43 -30.66
C ARG B 219 -19.49 24.18 -29.33
N ALA B 220 -20.27 23.69 -28.36
CA ALA B 220 -20.31 24.27 -27.01
C ALA B 220 -18.93 24.35 -26.35
N SER B 221 -18.13 23.31 -26.56
CA SER B 221 -16.79 23.22 -26.00
C SER B 221 -15.79 24.21 -26.59
N LEU B 222 -15.83 24.40 -27.91
CA LEU B 222 -14.88 25.28 -28.60
C LEU B 222 -15.29 26.75 -28.63
N GLY B 223 -16.60 27.00 -28.62
CA GLY B 223 -17.15 28.32 -28.91
C GLY B 223 -17.49 28.31 -30.39
N ASP B 224 -18.41 29.17 -30.82
CA ASP B 224 -18.89 29.17 -32.20
C ASP B 224 -17.82 29.51 -33.24
N SER B 225 -16.95 30.46 -32.92
CA SER B 225 -15.93 30.95 -33.84
C SER B 225 -14.87 29.88 -34.10
N ILE B 226 -14.33 29.30 -33.03
CA ILE B 226 -13.34 28.23 -33.15
C ILE B 226 -13.94 26.97 -33.80
N TYR B 227 -15.17 26.61 -33.42
CA TYR B 227 -15.87 25.49 -34.04
C TYR B 227 -16.02 25.72 -35.54
N LYS B 228 -16.37 26.94 -35.93
CA LYS B 228 -16.54 27.27 -37.35
C LYS B 228 -15.24 27.14 -38.16
N SER B 229 -14.12 27.57 -37.56
CA SER B 229 -12.79 27.46 -38.16
C SER B 229 -12.31 26.03 -38.29
N ILE B 230 -12.45 25.24 -37.23
CA ILE B 230 -11.96 23.85 -37.27
C ILE B 230 -12.79 22.93 -38.18
N THR B 231 -14.02 23.34 -38.47
CA THR B 231 -14.92 22.53 -39.29
C THR B 231 -14.97 23.07 -40.72
N GLU B 232 -14.08 24.01 -41.00
CA GLU B 232 -13.99 24.69 -42.29
C GLU B 232 -13.74 23.66 -43.36
N GLU B 233 -13.99 24.02 -44.61
CA GLU B 233 -13.91 23.00 -45.62
C GLU B 233 -12.55 22.64 -46.21
N TRP B 234 -11.72 23.64 -46.49
CA TRP B 234 -10.31 23.71 -46.11
C TRP B 234 -9.69 24.28 -44.85
N PHE B 235 -8.64 23.58 -44.44
CA PHE B 235 -7.98 23.73 -43.14
C PHE B 235 -6.45 23.57 -43.21
N ASP B 236 -5.77 24.49 -42.53
CA ASP B 236 -4.34 24.42 -42.26
C ASP B 236 -4.20 24.76 -40.78
N PRO B 237 -3.58 23.87 -39.99
CA PRO B 237 -3.50 24.19 -38.56
C PRO B 237 -2.63 25.41 -38.26
N GLU B 238 -1.60 25.66 -39.03
CA GLU B 238 -0.71 26.77 -38.78
C GLU B 238 -1.49 28.07 -38.89
N GLN B 239 -2.58 28.02 -39.64
CA GLN B 239 -3.22 29.23 -40.09
C GLN B 239 -4.40 29.55 -39.21
N PHE B 240 -5.14 28.50 -38.87
CA PHE B 240 -5.90 28.40 -37.63
C PHE B 240 -5.29 29.12 -36.42
N LEU B 241 -4.12 28.69 -35.98
CA LEU B 241 -3.51 29.25 -34.79
C LEU B 241 -3.08 30.70 -34.98
N ALA B 242 -2.74 31.08 -36.20
CA ALA B 242 -2.20 32.39 -36.49
C ALA B 242 -3.26 33.46 -36.33
N LEU B 244 -5.66 33.26 -33.99
CA LEU B 244 -6.03 33.30 -32.57
C LEU B 244 -5.09 34.18 -31.75
N ASP B 245 -5.58 34.64 -30.60
CA ASP B 245 -4.78 35.38 -29.62
C ASP B 245 -4.05 34.37 -28.72
N SER B 247 -1.22 35.10 -26.93
CA SER B 247 -0.28 36.01 -26.29
C SER B 247 -0.01 35.74 -24.80
N THR B 248 -0.84 34.91 -24.17
CA THR B 248 -0.63 34.53 -22.77
C THR B 248 -0.73 33.04 -22.56
N GLU B 249 -0.07 32.55 -21.52
CA GLU B 249 -0.13 31.14 -21.16
C GLU B 249 -1.56 30.61 -20.98
N HIS B 250 -2.39 31.35 -20.25
CA HIS B 250 -3.79 30.93 -20.10
C HIS B 250 -4.56 30.82 -21.43
N LYS B 251 -4.33 31.77 -22.34
CA LYS B 251 -4.96 31.70 -23.66
C LYS B 251 -4.55 30.44 -24.42
N VAL B 252 -3.26 30.12 -24.42
CA VAL B 252 -2.78 28.86 -25.01
C VAL B 252 -3.37 27.64 -24.31
N LEU B 253 -3.30 27.61 -22.97
CA LEU B 253 -3.83 26.52 -22.15
C LEU B 253 -5.35 26.33 -22.28
N ASP B 254 -6.10 27.43 -22.26
CA ASP B 254 -7.54 27.34 -22.47
C ASP B 254 -7.91 26.69 -23.83
N LEU B 255 -7.18 27.05 -24.88
CA LEU B 255 -7.32 26.42 -26.20
C LEU B 255 -7.09 24.90 -26.18
N LYS B 256 -5.98 24.46 -25.59
CA LYS B 256 -5.70 23.05 -25.45
C LYS B 256 -6.82 22.31 -24.72
N ASN B 257 -7.21 22.84 -23.58
CA ASN B 257 -8.30 22.27 -22.78
C ASN B 257 -9.62 22.15 -23.58
N ARG B 258 -9.99 23.20 -24.29
CA ARG B 258 -11.19 23.20 -25.14
C ARG B 258 -11.10 22.20 -26.28
N ILE B 259 -9.92 22.13 -26.90
CA ILE B 259 -9.65 21.17 -27.96
C ILE B 259 -9.61 19.72 -27.46
N GLU B 260 -8.96 19.47 -26.31
CA GLU B 260 -8.94 18.12 -25.76
C GLU B 260 -10.33 17.62 -25.38
N ALA B 261 -11.17 18.52 -24.86
CA ALA B 261 -12.57 18.22 -24.54
C ALA B 261 -13.41 17.89 -25.77
N SER B 262 -13.20 18.61 -26.87
CA SER B 262 -13.90 18.33 -28.12
C SER B 262 -13.54 16.93 -28.63
N VAL B 263 -12.26 16.60 -28.61
CA VAL B 263 -11.78 15.27 -28.97
C VAL B 263 -12.50 14.15 -28.20
N VAL B 264 -12.57 14.26 -26.86
CA VAL B 264 -13.27 13.27 -26.03
C VAL B 264 -14.78 13.24 -26.35
N ILE B 265 -15.37 14.42 -26.52
CA ILE B 265 -16.78 14.52 -26.89
C ILE B 265 -17.04 13.78 -28.22
N TRP B 266 -16.20 14.06 -29.22
CA TRP B 266 -16.37 13.48 -30.55
C TRP B 266 -16.15 11.98 -30.56
N LYS B 267 -15.21 11.52 -29.75
CA LYS B 267 -14.84 10.11 -29.74
C LYS B 267 -15.86 9.25 -29.00
N ARG B 268 -16.56 9.85 -28.03
CA ARG B 268 -17.52 9.16 -27.20
C ARG B 268 -18.91 9.11 -27.82
N LYS B 269 -19.13 9.92 -28.87
CA LYS B 269 -20.42 10.00 -29.58
C LYS B 269 -20.70 8.79 -30.46
N SER B 284 -22.18 13.81 -39.43
CA SER B 284 -21.61 12.65 -40.14
C SER B 284 -20.44 12.04 -39.37
N LEU B 285 -20.16 10.77 -39.64
CA LEU B 285 -19.05 10.04 -39.00
C LEU B 285 -17.72 10.47 -39.63
N GLU B 286 -17.68 10.51 -40.95
CA GLU B 286 -16.55 11.05 -41.72
C GLU B 286 -16.15 12.43 -41.20
N LYS B 287 -17.13 13.27 -41.00
CA LYS B 287 -16.87 14.60 -40.61
C LYS B 287 -16.27 14.66 -39.24
N ARG B 288 -16.88 13.99 -38.27
CA ARG B 288 -16.35 13.95 -36.91
C ARG B 288 -14.94 13.38 -36.83
N GLU B 289 -14.64 12.40 -37.67
CA GLU B 289 -13.31 11.82 -37.71
C GLU B 289 -12.28 12.82 -38.26
N LEU B 290 -12.68 13.56 -39.29
CA LEU B 290 -11.87 14.65 -39.82
C LEU B 290 -11.58 15.70 -38.74
N PHE B 291 -12.65 16.15 -38.08
CA PHE B 291 -12.57 17.17 -37.04
C PHE B 291 -11.66 16.73 -35.92
N GLU B 292 -11.81 15.47 -35.50
CA GLU B 292 -10.95 14.88 -34.46
C GLU B 292 -9.49 14.88 -34.88
N GLU B 293 -9.23 14.52 -36.13
CA GLU B 293 -7.89 14.46 -36.65
C GLU B 293 -7.26 15.85 -36.76
N ARG B 294 -8.05 16.82 -37.18
CA ARG B 294 -7.61 18.21 -37.22
C ARG B 294 -7.27 18.73 -35.84
N ALA B 295 -8.15 18.44 -34.86
CA ALA B 295 -7.90 18.76 -33.44
C ALA B 295 -6.55 18.19 -32.97
N GLU B 296 -6.27 16.99 -33.35
CA GLU B 296 -5.03 16.33 -32.97
C GLU B 296 -3.82 17.00 -33.61
N THR B 297 -3.86 17.31 -34.88
CA THR B 297 -2.73 18.03 -35.47
C THR B 297 -2.49 19.38 -34.76
N ILE B 298 -3.54 20.08 -34.35
CA ILE B 298 -3.39 21.34 -33.61
C ILE B 298 -2.68 21.12 -32.24
N LEU B 299 -3.04 20.05 -31.54
CA LEU B 299 -2.43 19.73 -30.26
C LEU B 299 -0.94 19.37 -30.39
N VAL B 300 -0.57 18.71 -31.50
CA VAL B 300 0.82 18.46 -31.84
C VAL B 300 1.56 19.79 -32.12
N LEU B 301 0.94 20.71 -32.83
CA LEU B 301 1.56 22.01 -33.07
C LEU B 301 1.80 22.81 -31.79
N LEU B 302 0.84 22.74 -30.86
CA LEU B 302 0.94 23.46 -29.60
C LEU B 302 2.10 22.94 -28.72
N LYS B 303 2.26 21.63 -28.67
CA LYS B 303 3.36 20.98 -27.98
C LYS B 303 4.72 21.47 -28.45
N GLN B 304 4.85 21.68 -29.75
CA GLN B 304 6.12 22.14 -30.30
C GLN B 304 6.33 23.67 -30.30
N LYS B 305 5.25 24.44 -30.30
CA LYS B 305 5.35 25.89 -30.24
C LYS B 305 5.53 26.38 -28.81
N PHE B 306 4.93 25.64 -27.86
CA PHE B 306 4.92 25.99 -26.44
C PHE B 306 5.35 24.79 -25.57
N PRO B 307 6.67 24.45 -25.60
CA PRO B 307 7.17 23.29 -24.86
C PRO B 307 7.11 23.52 -23.34
N GLY B 308 6.89 24.77 -22.93
CA GLY B 308 6.84 25.09 -21.52
C GLY B 308 5.44 25.13 -20.96
N LEU B 309 4.46 24.83 -21.82
CA LEU B 309 3.06 24.90 -21.43
C LEU B 309 2.83 23.98 -20.24
N PRO B 310 2.14 24.47 -19.17
CA PRO B 310 1.74 23.58 -18.08
C PRO B 310 0.78 22.48 -18.56
N GLN B 311 0.55 21.49 -17.70
CA GLN B 311 -0.32 20.35 -18.02
C GLN B 311 -1.75 20.77 -18.27
N SER B 312 -2.45 20.03 -19.13
CA SER B 312 -3.85 20.34 -19.37
C SER B 312 -4.67 19.79 -18.21
N SER B 313 -5.92 20.20 -18.12
CA SER B 313 -6.82 19.65 -17.10
C SER B 313 -7.16 18.19 -17.30
N LEU B 314 -7.14 17.70 -18.55
CA LEU B 314 -7.31 16.27 -18.83
C LEU B 314 -6.09 15.49 -18.33
N ASP B 315 -4.90 16.04 -18.57
CA ASP B 315 -3.64 15.49 -18.02
C ASP B 315 -3.77 15.35 -16.51
N ILE B 316 -4.08 16.45 -15.83
CA ILE B 316 -4.15 16.46 -14.38
C ILE B 316 -5.20 15.50 -13.87
N SER B 317 -6.35 15.47 -14.52
CA SER B 317 -7.41 14.51 -14.18
C SER B 317 -6.98 13.03 -14.29
N LYS B 318 -6.34 12.67 -15.40
CA LYS B 318 -5.78 11.33 -15.61
C LYS B 318 -4.80 10.95 -14.51
N ILE B 319 -3.92 11.87 -14.14
CA ILE B 319 -2.92 11.58 -13.10
C ILE B 319 -3.56 11.35 -11.73
N GLN B 320 -4.53 12.18 -11.39
CA GLN B 320 -5.16 12.12 -10.07
C GLN B 320 -5.88 10.80 -9.90
N PHE B 321 -6.36 10.27 -11.00
CA PHE B 321 -7.26 9.11 -11.01
C PHE B 321 -6.54 7.81 -11.32
N ASN B 322 -5.37 7.89 -11.95
CA ASN B 322 -4.60 6.69 -12.33
C ASN B 322 -4.17 5.85 -11.12
N LYS B 323 -4.47 4.56 -11.16
CA LYS B 323 -4.07 3.64 -10.10
C LYS B 323 -2.92 2.75 -10.56
N ASP B 324 -2.58 2.85 -11.84
CA ASP B 324 -1.48 2.09 -12.41
C ASP B 324 -0.13 2.68 -12.01
N VAL B 325 0.59 1.93 -11.18
CA VAL B 325 1.89 2.30 -10.66
C VAL B 325 2.94 2.49 -11.75
N GLY B 326 2.98 1.61 -12.75
CA GLY B 326 3.93 1.74 -13.84
C GLY B 326 3.75 3.03 -14.65
N GLN B 327 2.52 3.30 -15.07
CA GLN B 327 2.16 4.54 -15.80
C GLN B 327 2.38 5.79 -14.96
N ALA B 328 2.07 5.72 -13.66
CA ALA B 328 2.36 6.82 -12.72
C ALA B 328 3.84 7.24 -12.67
N VAL B 329 4.72 6.24 -12.59
CA VAL B 329 6.15 6.46 -12.51
C VAL B 329 6.66 6.95 -13.86
N LEU B 330 6.21 6.31 -14.94
CA LEU B 330 6.55 6.72 -16.31
C LEU B 330 6.15 8.16 -16.59
N GLU B 331 4.93 8.52 -16.23
CA GLU B 331 4.41 9.85 -16.54
C GLU B 331 5.17 10.91 -15.77
N SER B 332 5.36 10.68 -14.48
CA SER B 332 6.00 11.65 -13.60
C SER B 332 7.47 11.88 -13.91
N TYR B 333 8.22 10.80 -14.11
CA TYR B 333 9.66 10.86 -14.42
C TYR B 333 9.88 11.50 -15.79
N SER B 334 9.10 11.08 -16.79
CA SER B 334 9.21 11.67 -18.12
C SER B 334 8.87 13.18 -18.06
N ARG B 335 7.86 13.55 -17.25
CA ARG B 335 7.44 14.93 -17.09
C ARG B 335 8.49 15.84 -16.46
N ILE B 336 9.12 15.39 -15.38
CA ILE B 336 10.15 16.19 -14.71
C ILE B 336 11.39 16.33 -15.60
N LEU B 337 11.68 15.31 -16.41
CA LEU B 337 12.83 15.36 -17.33
C LEU B 337 12.56 16.30 -18.50
N GLU B 338 11.34 16.28 -19.05
CA GLU B 338 10.92 17.26 -20.07
C GLU B 338 11.10 18.68 -19.56
N SER B 339 10.58 18.98 -18.37
CA SER B 339 10.58 20.38 -17.91
C SER B 339 11.96 20.85 -17.47
N LEU B 340 12.71 19.95 -16.84
CA LEU B 340 14.12 20.22 -16.53
C LEU B 340 14.91 20.55 -17.79
N ALA B 341 14.68 19.73 -18.83
CA ALA B 341 15.31 19.92 -20.12
C ALA B 341 14.90 21.27 -20.68
N TYR B 342 13.60 21.56 -20.66
CA TYR B 342 13.09 22.83 -21.15
C TYR B 342 13.76 24.02 -20.46
N THR B 343 13.91 23.96 -19.13
CA THR B 343 14.47 25.08 -18.38
C THR B 343 15.93 25.35 -18.75
N VAL B 344 16.74 24.29 -18.82
CA VAL B 344 18.15 24.39 -19.21
C VAL B 344 18.30 24.93 -20.64
N SER B 346 16.04 26.92 -22.10
CA SER B 346 15.58 28.29 -21.95
C SER B 346 16.67 29.17 -21.35
N ARG B 347 17.34 28.67 -20.32
CA ARG B 347 18.43 29.37 -19.66
C ARG B 347 19.64 29.51 -20.57
N ILE B 348 19.89 28.59 -21.50
CA ILE B 348 20.95 28.76 -22.51
C ILE B 348 20.54 29.82 -23.55
N GLU B 349 19.25 29.83 -23.90
CA GLU B 349 18.72 30.83 -24.83
C GLU B 349 18.89 32.28 -24.33
N ASP B 350 18.84 32.47 -23.01
CA ASP B 350 19.01 33.79 -22.39
C ASP B 350 20.42 34.32 -22.64
N VAL B 351 21.42 33.50 -22.32
CA VAL B 351 22.83 33.85 -22.52
C VAL B 351 23.14 34.12 -24.00
N LEU B 352 22.61 33.28 -24.89
CA LEU B 352 22.77 33.47 -26.33
C LEU B 352 22.09 34.74 -26.87
N TYR B 353 20.93 35.10 -26.29
CA TYR B 353 20.24 36.34 -26.64
C TYR B 353 20.94 37.52 -26.02
N THR B 354 21.31 37.40 -24.74
CA THR B 354 22.11 38.42 -24.04
C THR B 354 23.42 38.69 -24.76
N ASP B 355 23.91 37.65 -25.44
CA ASP B 355 25.06 37.72 -26.34
C ASP B 355 24.75 38.57 -27.57
N THR B 356 23.59 38.36 -28.17
CA THR B 356 23.13 39.14 -29.33
C THR B 356 22.65 40.54 -28.91
#